data_5VEG
#
_entry.id   5VEG
#
_cell.length_a   47.301
_cell.length_b   95.807
_cell.length_c   102.378
_cell.angle_alpha   90.00
_cell.angle_beta   90.00
_cell.angle_gamma   90.00
#
_symmetry.space_group_name_H-M   'P 21 21 21'
#
loop_
_entity.id
_entity.type
_entity.pdbx_description
1 polymer Flavodoxin
2 non-polymer 'FLAVIN MONONUCLEOTIDE'
3 non-polymer 'CADMIUM ION'
4 non-polymer 'SODIUM ION'
5 water water
#
_entity_poly.entity_id   1
_entity_poly.type   'polypeptide(L)'
_entity_poly.pdbx_seq_one_letter_code
;MALREDRIAEIVERVLARLGSGSGSGSGSMLTAHVVYATMTGNNEEVANIVCDSLTNLNVKVTESEISQTDVADFMKADI
LVVCAYTYDEGAMPEEGLDFYDDLQSTDLTGKVYGVAGSGDKFYGEYFNTTVDHFDDAFKKAGATSGAEKVKIDLEPYEE
DIERLNKFAEGLVKTASK
;
_entity_poly.pdbx_strand_id   A,B,C
#
# COMPACT_ATOMS: atom_id res chain seq x y z
N MET A 30 18.43 35.51 -10.08
CA MET A 30 18.81 35.78 -8.70
C MET A 30 18.84 34.51 -7.83
N LEU A 31 17.70 33.87 -7.58
CA LEU A 31 17.62 32.80 -6.60
C LEU A 31 17.72 31.43 -7.24
N THR A 32 18.47 30.54 -6.59
CA THR A 32 18.58 29.15 -6.98
C THR A 32 18.04 28.25 -5.86
N ALA A 33 17.62 27.05 -6.26
CA ALA A 33 17.13 26.05 -5.33
C ALA A 33 17.51 24.67 -5.83
N HIS A 34 17.77 23.77 -4.90
CA HIS A 34 17.98 22.36 -5.21
C HIS A 34 16.98 21.56 -4.39
N VAL A 35 16.14 20.79 -5.08
CA VAL A 35 15.16 19.89 -4.45
C VAL A 35 15.63 18.46 -4.66
N VAL A 36 15.91 17.75 -3.58
CA VAL A 36 16.20 16.32 -3.69
C VAL A 36 15.02 15.54 -3.14
N TYR A 37 14.77 14.38 -3.72
CA TYR A 37 13.70 13.52 -3.25
C TYR A 37 14.20 12.10 -3.07
N ALA A 38 13.55 11.38 -2.16
CA ALA A 38 13.71 9.94 -2.06
C ALA A 38 12.33 9.32 -2.27
N THR A 39 12.28 8.25 -3.07
CA THR A 39 10.95 7.73 -3.39
C THR A 39 11.06 6.28 -3.82
N MET A 40 9.95 5.56 -3.63
CA MET A 40 9.82 4.20 -4.16
C MET A 40 8.61 4.02 -5.05
N THR A 41 7.47 4.62 -4.69
CA THR A 41 6.27 4.51 -5.50
C THR A 41 5.85 5.87 -6.07
N GLY A 42 6.74 6.87 -6.01
CA GLY A 42 6.56 8.11 -6.73
C GLY A 42 5.90 9.23 -5.98
N ASN A 43 5.33 8.98 -4.79
CA ASN A 43 4.59 10.03 -4.10
C ASN A 43 5.50 11.19 -3.72
N ASN A 44 6.69 10.91 -3.19
CA ASN A 44 7.60 11.97 -2.78
C ASN A 44 8.29 12.63 -3.95
N GLU A 45 8.41 11.94 -5.08
CA GLU A 45 8.84 12.62 -6.30
C GLU A 45 7.75 13.55 -6.81
N GLU A 46 6.49 13.12 -6.70
CA GLU A 46 5.37 14.02 -6.97
C GLU A 46 5.43 15.25 -6.08
N VAL A 47 5.69 15.08 -4.78
CA VAL A 47 5.80 16.22 -3.87
C VAL A 47 6.94 17.15 -4.32
N ALA A 48 8.10 16.57 -4.60
CA ALA A 48 9.23 17.37 -5.09
C ALA A 48 8.85 18.10 -6.38
N ASN A 49 8.16 17.44 -7.31
CA ASN A 49 7.72 18.09 -8.55
C ASN A 49 6.85 19.30 -8.26
N ILE A 50 5.91 19.18 -7.34
CA ILE A 50 5.04 20.30 -7.01
C ILE A 50 5.85 21.45 -6.43
N VAL A 51 6.84 21.14 -5.59
CA VAL A 51 7.65 22.20 -4.99
C VAL A 51 8.52 22.87 -6.06
N CYS A 52 9.11 22.06 -6.95
CA CYS A 52 9.90 22.62 -8.05
C CYS A 52 9.07 23.53 -8.93
N ASP A 53 7.84 23.13 -9.24
CA ASP A 53 6.94 23.96 -10.03
C ASP A 53 6.65 25.28 -9.32
N SER A 54 6.28 25.22 -8.04
CA SER A 54 5.94 26.45 -7.32
C SER A 54 7.16 27.37 -7.19
N LEU A 55 8.35 26.81 -6.98
CA LEU A 55 9.54 27.65 -6.92
C LEU A 55 9.83 28.27 -8.28
N THR A 56 9.76 27.47 -9.35
CA THR A 56 9.96 28.02 -10.69
C THR A 56 8.96 29.15 -10.98
N ASN A 57 7.71 28.97 -10.57
CA ASN A 57 6.74 30.04 -10.79
C ASN A 57 6.95 31.24 -9.87
N LEU A 58 7.85 31.14 -8.90
CA LEU A 58 8.27 32.30 -8.12
C LEU A 58 9.63 32.82 -8.60
N ASN A 59 10.03 32.50 -9.83
CA ASN A 59 11.24 33.01 -10.47
C ASN A 59 12.51 32.49 -9.80
N VAL A 60 12.49 31.22 -9.43
CA VAL A 60 13.67 30.55 -8.86
C VAL A 60 14.18 29.57 -9.90
N LYS A 61 15.49 29.50 -10.07
CA LYS A 61 16.07 28.47 -10.92
C LYS A 61 16.31 27.23 -10.06
N VAL A 62 15.67 26.13 -10.43
CA VAL A 62 15.55 24.94 -9.59
C VAL A 62 16.32 23.79 -10.21
N THR A 63 17.16 23.15 -9.40
CA THR A 63 17.71 21.84 -9.73
C THR A 63 16.94 20.79 -8.92
N GLU A 64 16.57 19.69 -9.57
CA GLU A 64 15.87 18.60 -8.93
C GLU A 64 16.62 17.31 -9.18
N SER A 65 16.85 16.53 -8.12
CA SER A 65 17.55 15.27 -8.30
C SER A 65 17.08 14.26 -7.25
N GLU A 66 17.35 12.99 -7.52
CA GLU A 66 17.07 11.93 -6.55
C GLU A 66 18.21 11.85 -5.54
N ILE A 67 17.86 11.47 -4.31
CA ILE A 67 18.80 11.64 -3.20
C ILE A 67 20.02 10.74 -3.37
N SER A 68 19.84 9.53 -3.88
CA SER A 68 20.98 8.61 -3.97
C SER A 68 21.96 8.99 -5.07
N GLN A 69 21.55 9.84 -6.02
CA GLN A 69 22.43 10.34 -7.07
C GLN A 69 22.97 11.74 -6.79
N THR A 70 22.83 12.24 -5.56
CA THR A 70 23.15 13.63 -5.25
C THR A 70 24.17 13.67 -4.12
N ASP A 71 25.23 14.45 -4.33
CA ASP A 71 26.20 14.72 -3.28
C ASP A 71 25.86 16.04 -2.60
N VAL A 72 25.94 16.06 -1.26
CA VAL A 72 25.67 17.27 -0.51
C VAL A 72 26.53 18.43 -0.99
N ALA A 73 27.79 18.15 -1.38
CA ALA A 73 28.66 19.23 -1.85
C ALA A 73 28.07 19.95 -3.05
N ASP A 74 27.37 19.23 -3.94
CA ASP A 74 26.71 19.90 -5.07
C ASP A 74 25.40 20.54 -4.64
N PHE A 75 24.61 19.81 -3.85
CA PHE A 75 23.34 20.27 -3.32
C PHE A 75 23.45 21.64 -2.67
N MET A 76 24.45 21.81 -1.79
CA MET A 76 24.54 23.00 -0.96
C MET A 76 24.84 24.27 -1.76
N LYS A 77 25.09 24.16 -3.06
CA LYS A 77 25.44 25.34 -3.84
C LYS A 77 24.21 26.21 -4.14
N ALA A 78 23.00 25.71 -3.93
CA ALA A 78 21.81 26.53 -4.13
C ALA A 78 21.56 27.43 -2.92
N ASP A 79 20.77 28.48 -3.12
CA ASP A 79 20.37 29.35 -2.03
C ASP A 79 19.29 28.71 -1.16
N ILE A 80 18.39 27.92 -1.77
CA ILE A 80 17.26 27.28 -1.10
C ILE A 80 17.44 25.76 -1.23
N LEU A 81 17.36 25.05 -0.09
CA LEU A 81 17.59 23.61 -0.05
C LEU A 81 16.33 22.90 0.45
N VAL A 82 15.88 21.88 -0.27
CA VAL A 82 14.65 21.16 0.02
C VAL A 82 14.92 19.66 -0.07
N VAL A 83 14.46 18.91 0.94
CA VAL A 83 14.43 17.45 0.90
C VAL A 83 12.97 16.99 0.99
N CYS A 84 12.58 16.12 0.07
CA CYS A 84 11.27 15.48 0.08
C CYS A 84 11.49 13.98 0.15
N ALA A 85 11.16 13.34 1.28
CA ALA A 85 11.53 11.95 1.44
C ALA A 85 10.50 11.19 2.26
N TYR A 86 10.37 9.88 1.96
CA TYR A 86 9.39 9.04 2.61
C TYR A 86 9.92 8.53 3.94
N THR A 87 9.02 7.88 4.69
CA THR A 87 9.32 7.14 5.90
C THR A 87 8.88 5.70 5.69
N TYR A 88 9.67 4.75 6.20
CA TYR A 88 9.42 3.33 5.98
C TYR A 88 9.49 2.57 7.29
N ASP A 89 9.05 1.31 7.25
CA ASP A 89 9.24 0.33 8.33
C ASP A 89 9.20 0.97 9.71
N GLU A 90 8.10 1.63 10.00
CA GLU A 90 7.85 2.19 11.33
C GLU A 90 8.94 3.20 11.72
N GLY A 91 9.01 4.27 10.96
CA GLY A 91 9.89 5.40 11.30
C GLY A 91 11.25 5.39 10.65
N ALA A 92 11.54 4.42 9.78
CA ALA A 92 12.87 4.29 9.22
C ALA A 92 13.13 5.36 8.15
N MET A 93 14.36 5.87 8.14
CA MET A 93 14.82 6.74 7.06
C MET A 93 15.00 5.94 5.77
N PRO A 94 14.89 6.59 4.61
CA PRO A 94 15.27 5.92 3.36
C PRO A 94 16.74 5.51 3.39
N GLU A 95 17.00 4.24 3.11
CA GLU A 95 18.35 3.71 3.24
C GLU A 95 19.30 4.34 2.23
N GLU A 96 18.80 4.61 1.02
CA GLU A 96 19.55 5.31 -0.02
C GLU A 96 19.83 6.77 0.32
N GLY A 97 19.26 7.31 1.41
CA GLY A 97 19.46 8.68 1.81
C GLY A 97 20.26 8.87 3.08
N LEU A 98 20.75 7.77 3.67
CA LEU A 98 21.43 7.86 4.95
C LEU A 98 22.74 8.62 4.84
N ASP A 99 23.47 8.39 3.77
CA ASP A 99 24.74 9.09 3.59
C ASP A 99 24.53 10.59 3.40
N PHE A 100 23.63 10.95 2.48
CA PHE A 100 23.22 12.33 2.28
C PHE A 100 22.80 12.98 3.59
N TYR A 101 21.93 12.30 4.35
CA TYR A 101 21.47 12.80 5.63
C TYR A 101 22.65 13.07 6.58
N ASP A 102 23.56 12.11 6.71
CA ASP A 102 24.72 12.28 7.57
C ASP A 102 25.63 13.41 7.06
N ASP A 103 25.90 13.44 5.75
CA ASP A 103 26.73 14.51 5.20
C ASP A 103 26.11 15.89 5.42
N LEU A 104 24.78 15.97 5.38
CA LEU A 104 24.10 17.24 5.59
C LEU A 104 24.46 17.86 6.94
N GLN A 105 24.39 17.04 7.99
CA GLN A 105 24.70 17.51 9.35
C GLN A 105 26.16 17.87 9.55
N SER A 106 27.06 17.35 8.71
CA SER A 106 28.47 17.68 8.83
C SER A 106 28.86 18.92 8.06
N THR A 107 27.92 19.52 7.33
CA THR A 107 28.22 20.67 6.47
C THR A 107 27.76 21.96 7.13
N ASP A 108 28.56 23.01 7.00
CA ASP A 108 28.18 24.35 7.46
C ASP A 108 27.23 24.96 6.44
N LEU A 109 25.93 24.97 6.76
CA LEU A 109 24.91 25.53 5.88
C LEU A 109 24.41 26.90 6.37
N THR A 110 25.25 27.63 7.08
CA THR A 110 24.92 29.00 7.48
C THR A 110 24.61 29.85 6.24
N GLY A 111 23.52 30.62 6.31
CA GLY A 111 23.08 31.41 5.19
C GLY A 111 22.19 30.68 4.19
N LYS A 112 22.03 29.37 4.31
CA LYS A 112 21.15 28.63 3.42
C LYS A 112 19.74 28.60 4.03
N VAL A 113 18.73 28.66 3.15
CA VAL A 113 17.32 28.58 3.53
C VAL A 113 16.82 27.17 3.17
N TYR A 114 16.12 26.53 4.09
CA TYR A 114 15.76 25.14 3.86
C TYR A 114 14.29 24.91 4.17
N GLY A 115 13.78 23.82 3.62
CA GLY A 115 12.45 23.34 3.94
C GLY A 115 12.43 21.85 3.73
N VAL A 116 11.59 21.16 4.50
CA VAL A 116 11.50 19.71 4.39
C VAL A 116 10.03 19.34 4.22
N ALA A 117 9.77 18.37 3.34
CA ALA A 117 8.41 17.91 3.10
C ALA A 117 8.44 16.40 2.91
N GLY A 118 7.28 15.76 3.05
CA GLY A 118 7.24 14.33 2.88
C GLY A 118 5.83 13.82 2.67
N SER A 119 5.72 12.75 1.91
CA SER A 119 4.49 11.97 1.85
C SER A 119 4.71 10.70 2.66
N GLY A 120 3.76 10.41 3.55
CA GLY A 120 3.83 9.22 4.34
C GLY A 120 2.42 8.71 4.55
N ASP A 121 2.20 7.98 5.62
CA ASP A 121 0.91 7.32 5.86
C ASP A 121 0.52 7.56 7.30
N LYS A 122 -0.58 8.29 7.51
CA LYS A 122 -1.04 8.60 8.87
C LYS A 122 -1.38 7.34 9.68
N PHE A 123 -1.61 6.20 9.02
CA PHE A 123 -1.89 4.97 9.78
C PHE A 123 -0.73 4.61 10.72
N TYR A 124 0.48 5.06 10.43
CA TYR A 124 1.62 4.74 11.29
C TYR A 124 1.73 5.69 12.48
N GLY A 125 0.71 6.51 12.73
CA GLY A 125 0.59 7.20 14.00
C GLY A 125 1.77 8.11 14.29
N GLU A 126 2.43 7.87 15.42
CA GLU A 126 3.54 8.73 15.81
C GLU A 126 4.76 8.51 14.95
N TYR A 127 4.72 7.56 14.02
CA TYR A 127 5.77 7.39 13.03
C TYR A 127 5.43 8.05 11.70
N PHE A 128 4.35 8.83 11.66
CA PHE A 128 3.95 9.56 10.46
C PHE A 128 5.02 10.53 10.00
N ASN A 129 5.60 10.28 8.83
CA ASN A 129 6.56 11.22 8.20
C ASN A 129 7.72 11.57 9.14
N THR A 130 8.20 10.61 9.92
CA THR A 130 9.32 10.89 10.82
C THR A 130 10.57 11.33 10.04
N THR A 131 10.69 10.91 8.78
CA THR A 131 11.87 11.31 8.02
C THR A 131 11.91 12.82 7.83
N VAL A 132 10.74 13.44 7.68
CA VAL A 132 10.67 14.89 7.59
C VAL A 132 11.25 15.54 8.84
N ASP A 133 10.90 15.00 10.01
CA ASP A 133 11.44 15.52 11.27
C ASP A 133 12.94 15.33 11.34
N HIS A 134 13.46 14.19 10.88
CA HIS A 134 14.90 13.97 10.90
C HIS A 134 15.63 14.95 10.01
N PHE A 135 15.13 15.17 8.79
CA PHE A 135 15.85 16.09 7.89
C PHE A 135 15.75 17.53 8.37
N ASP A 136 14.61 17.90 8.95
CA ASP A 136 14.49 19.24 9.53
C ASP A 136 15.50 19.44 10.65
N ASP A 137 15.62 18.45 11.54
CA ASP A 137 16.67 18.49 12.56
C ASP A 137 18.06 18.55 11.93
N ALA A 138 18.31 17.76 10.88
CA ALA A 138 19.65 17.78 10.29
C ALA A 138 20.00 19.17 9.76
N PHE A 139 19.04 19.81 9.09
CA PHE A 139 19.28 21.16 8.58
C PHE A 139 19.56 22.12 9.74
N LYS A 140 18.87 21.92 10.87
CA LYS A 140 19.09 22.76 12.04
C LYS A 140 20.52 22.63 12.56
N LYS A 141 21.00 21.39 12.73
CA LYS A 141 22.38 21.20 13.17
C LYS A 141 23.38 21.78 12.18
N ALA A 142 23.05 21.73 10.89
CA ALA A 142 23.94 22.29 9.88
C ALA A 142 23.97 23.80 9.90
N GLY A 143 23.06 24.44 10.64
CA GLY A 143 23.03 25.88 10.72
C GLY A 143 22.18 26.57 9.69
N ALA A 144 21.44 25.84 8.86
CA ALA A 144 20.57 26.47 7.88
C ALA A 144 19.37 27.10 8.58
N THR A 145 18.73 28.03 7.86
CA THR A 145 17.59 28.79 8.36
C THR A 145 16.32 28.21 7.76
N SER A 146 15.37 27.82 8.61
CA SER A 146 14.11 27.32 8.10
C SER A 146 13.37 28.43 7.37
N GLY A 147 12.99 28.15 6.13
CA GLY A 147 12.23 29.12 5.36
C GLY A 147 10.73 28.86 5.38
N ALA A 148 10.29 27.75 5.96
CA ALA A 148 8.87 27.42 5.96
C ALA A 148 8.60 26.24 6.89
N GLU A 149 7.41 26.22 7.47
CA GLU A 149 7.00 25.09 8.29
C GLU A 149 7.03 23.80 7.48
N LYS A 150 7.58 22.73 8.07
CA LYS A 150 7.68 21.46 7.38
C LYS A 150 6.29 20.97 6.97
N VAL A 151 6.22 20.26 5.84
CA VAL A 151 4.95 19.84 5.27
C VAL A 151 4.88 18.31 5.29
N LYS A 152 3.85 17.78 5.95
CA LYS A 152 3.66 16.35 6.12
C LYS A 152 2.38 15.94 5.39
N ILE A 153 2.53 15.15 4.34
CA ILE A 153 1.44 14.79 3.46
C ILE A 153 1.06 13.34 3.69
N ASP A 154 -0.24 13.05 3.64
CA ASP A 154 -0.73 11.69 3.74
C ASP A 154 -0.89 11.11 2.33
N LEU A 155 0.01 10.20 1.96
CA LEU A 155 -0.06 9.43 0.71
C LEU A 155 0.03 10.40 -0.46
N GLU A 156 -0.90 10.38 -1.41
CA GLU A 156 -0.76 11.20 -2.60
C GLU A 156 -1.14 12.64 -2.30
N PRO A 157 -0.44 13.60 -2.89
CA PRO A 157 -0.80 15.01 -2.67
C PRO A 157 -2.06 15.37 -3.44
N TYR A 158 -3.02 15.96 -2.74
CA TYR A 158 -4.25 16.44 -3.35
C TYR A 158 -4.32 17.97 -3.25
N GLU A 159 -5.52 18.53 -3.47
CA GLU A 159 -5.62 19.98 -3.65
C GLU A 159 -5.13 20.75 -2.44
N GLU A 160 -5.54 20.32 -1.23
CA GLU A 160 -5.09 20.97 -0.01
C GLU A 160 -3.57 20.86 0.14
N ASP A 161 -3.02 19.65 -0.07
CA ASP A 161 -1.57 19.47 -0.02
C ASP A 161 -0.86 20.38 -1.02
N ILE A 162 -1.43 20.54 -2.21
CA ILE A 162 -0.83 21.40 -3.23
C ILE A 162 -0.79 22.85 -2.76
N GLU A 163 -1.89 23.33 -2.17
CA GLU A 163 -1.87 24.69 -1.65
C GLU A 163 -0.84 24.83 -0.54
N ARG A 164 -0.74 23.83 0.35
CA ARG A 164 0.26 23.88 1.40
C ARG A 164 1.68 23.90 0.85
N LEU A 165 1.94 23.11 -0.20
CA LEU A 165 3.27 23.13 -0.82
C LEU A 165 3.54 24.44 -1.55
N ASN A 166 2.51 25.16 -1.98
CA ASN A 166 2.73 26.48 -2.56
C ASN A 166 3.11 27.50 -1.50
N LYS A 167 2.41 27.51 -0.36
CA LYS A 167 2.81 28.39 0.73
C LYS A 167 4.22 28.05 1.22
N PHE A 168 4.52 26.75 1.34
CA PHE A 168 5.88 26.28 1.59
C PHE A 168 6.88 26.96 0.68
N ALA A 169 6.67 26.88 -0.64
CA ALA A 169 7.58 27.50 -1.60
C ALA A 169 7.64 29.02 -1.43
N GLU A 170 6.48 29.66 -1.24
CA GLU A 170 6.46 31.11 -1.02
C GLU A 170 7.27 31.48 0.21
N GLY A 171 7.16 30.69 1.28
CA GLY A 171 7.93 30.95 2.48
C GLY A 171 9.43 30.88 2.24
N LEU A 172 9.88 29.87 1.50
CA LEU A 172 11.31 29.72 1.22
C LEU A 172 11.83 30.93 0.46
N VAL A 173 11.10 31.36 -0.58
CA VAL A 173 11.53 32.47 -1.41
C VAL A 173 11.60 33.75 -0.58
N LYS A 174 10.53 34.07 0.14
CA LYS A 174 10.56 35.29 0.94
C LYS A 174 11.69 35.25 1.96
N THR A 175 11.89 34.09 2.61
CA THR A 175 12.97 33.95 3.58
C THR A 175 14.33 34.13 2.92
N ALA A 176 14.53 33.53 1.73
CA ALA A 176 15.81 33.63 1.06
C ALA A 176 16.04 34.98 0.40
N SER A 177 14.98 35.72 0.09
CA SER A 177 15.14 37.00 -0.58
C SER A 177 14.89 38.15 0.39
N MET B 30 -32.85 6.32 -0.68
CA MET B 30 -32.18 7.60 -0.89
C MET B 30 -31.13 7.51 -2.01
N LEU B 31 -29.97 6.95 -1.68
CA LEU B 31 -28.80 6.96 -2.56
C LEU B 31 -28.55 5.58 -3.17
N THR B 32 -28.09 5.59 -4.42
CA THR B 32 -27.76 4.37 -5.15
C THR B 32 -26.32 4.44 -5.66
N ALA B 33 -25.66 3.28 -5.67
CA ALA B 33 -24.27 3.18 -6.10
C ALA B 33 -24.09 1.94 -6.96
N HIS B 34 -23.26 2.07 -8.00
CA HIS B 34 -22.81 0.94 -8.79
C HIS B 34 -21.29 0.89 -8.69
N VAL B 35 -20.75 -0.24 -8.22
CA VAL B 35 -19.31 -0.43 -8.17
C VAL B 35 -18.91 -1.53 -9.17
N VAL B 36 -17.90 -1.22 -9.98
CA VAL B 36 -17.43 -2.08 -11.06
C VAL B 36 -15.99 -2.50 -10.76
N TYR B 37 -15.68 -3.78 -10.94
CA TYR B 37 -14.34 -4.29 -10.70
C TYR B 37 -13.78 -5.01 -11.92
N ALA B 38 -12.46 -4.91 -12.06
CA ALA B 38 -11.67 -5.75 -12.97
C ALA B 38 -10.69 -6.55 -12.14
N THR B 39 -10.59 -7.86 -12.41
CA THR B 39 -9.74 -8.71 -11.60
C THR B 39 -9.30 -9.94 -12.40
N MET B 40 -8.10 -10.41 -12.08
CA MET B 40 -7.64 -11.74 -12.52
C MET B 40 -7.46 -12.72 -11.37
N THR B 41 -6.83 -12.31 -10.26
CA THR B 41 -6.62 -13.20 -9.13
C THR B 41 -7.44 -12.84 -7.90
N GLY B 42 -8.47 -12.00 -8.05
CA GLY B 42 -9.46 -11.77 -7.01
C GLY B 42 -9.26 -10.52 -6.17
N ASN B 43 -8.05 -9.96 -6.14
CA ASN B 43 -7.76 -8.91 -5.16
C ASN B 43 -8.65 -7.69 -5.35
N ASN B 44 -8.84 -7.26 -6.61
CA ASN B 44 -9.62 -6.06 -6.88
C ASN B 44 -11.11 -6.30 -6.74
N GLU B 45 -11.57 -7.53 -6.93
CA GLU B 45 -12.95 -7.85 -6.59
C GLU B 45 -13.16 -7.71 -5.08
N GLU B 46 -12.20 -8.20 -4.29
CA GLU B 46 -12.24 -8.04 -2.85
C GLU B 46 -12.30 -6.56 -2.47
N VAL B 47 -11.45 -5.72 -3.09
CA VAL B 47 -11.53 -4.27 -2.84
C VAL B 47 -12.94 -3.77 -3.11
N ALA B 48 -13.52 -4.18 -4.25
CA ALA B 48 -14.88 -3.77 -4.59
C ALA B 48 -15.90 -4.29 -3.59
N ASN B 49 -15.75 -5.54 -3.14
CA ASN B 49 -16.67 -6.08 -2.14
C ASN B 49 -16.63 -5.26 -0.86
N ILE B 50 -15.45 -4.80 -0.46
CA ILE B 50 -15.34 -4.01 0.75
C ILE B 50 -16.03 -2.66 0.57
N VAL B 51 -15.83 -2.03 -0.59
CA VAL B 51 -16.50 -0.77 -0.87
C VAL B 51 -18.02 -0.96 -0.82
N CYS B 52 -18.51 -2.09 -1.35
CA CYS B 52 -19.94 -2.33 -1.40
C CYS B 52 -20.53 -2.47 0.01
N ASP B 53 -19.83 -3.18 0.91
CA ASP B 53 -20.32 -3.32 2.28
C ASP B 53 -20.32 -1.99 3.02
N SER B 54 -19.29 -1.16 2.81
CA SER B 54 -19.23 0.15 3.46
C SER B 54 -20.40 1.03 3.04
N LEU B 55 -20.65 1.12 1.73
CA LEU B 55 -21.78 1.89 1.24
C LEU B 55 -23.11 1.36 1.76
N THR B 56 -23.27 0.03 1.79
CA THR B 56 -24.54 -0.55 2.23
C THR B 56 -24.81 -0.21 3.70
N ASN B 57 -23.78 -0.25 4.54
CA ASN B 57 -23.94 0.13 5.94
C ASN B 57 -24.23 1.62 6.08
N LEU B 58 -23.92 2.42 5.05
CA LEU B 58 -24.27 3.83 4.99
C LEU B 58 -25.62 4.07 4.31
N ASN B 59 -26.47 3.05 4.28
CA ASN B 59 -27.81 3.14 3.69
C ASN B 59 -27.75 3.65 2.25
N VAL B 60 -26.95 2.97 1.44
CA VAL B 60 -26.94 3.14 0.00
C VAL B 60 -27.31 1.80 -0.63
N LYS B 61 -28.18 1.84 -1.63
CA LYS B 61 -28.45 0.65 -2.44
C LYS B 61 -27.32 0.47 -3.44
N VAL B 62 -26.60 -0.65 -3.32
CA VAL B 62 -25.38 -0.90 -4.08
C VAL B 62 -25.60 -2.00 -5.09
N THR B 63 -25.29 -1.72 -6.36
CA THR B 63 -25.14 -2.75 -7.37
C THR B 63 -23.64 -2.97 -7.62
N GLU B 64 -23.24 -4.23 -7.73
CA GLU B 64 -21.84 -4.62 -7.96
C GLU B 64 -21.77 -5.56 -9.16
N SER B 65 -20.78 -5.34 -10.02
CA SER B 65 -20.67 -6.16 -11.22
C SER B 65 -19.23 -6.10 -11.74
N GLU B 66 -18.84 -7.14 -12.46
CA GLU B 66 -17.54 -7.21 -13.14
C GLU B 66 -17.58 -6.40 -14.42
N ILE B 67 -16.44 -5.82 -14.77
CA ILE B 67 -16.41 -4.73 -15.74
C ILE B 67 -16.89 -5.19 -17.11
N SER B 68 -16.40 -6.33 -17.60
CA SER B 68 -16.71 -6.75 -18.96
C SER B 68 -18.19 -7.10 -19.13
N GLN B 69 -18.90 -7.35 -18.04
CA GLN B 69 -20.33 -7.65 -18.06
C GLN B 69 -21.17 -6.44 -17.69
N THR B 70 -20.58 -5.25 -17.68
CA THR B 70 -21.27 -4.02 -17.30
C THR B 70 -21.31 -3.06 -18.49
N ASP B 71 -22.52 -2.58 -18.80
CA ASP B 71 -22.72 -1.50 -19.76
C ASP B 71 -22.62 -0.16 -19.05
N VAL B 72 -21.89 0.78 -19.66
CA VAL B 72 -21.80 2.13 -19.09
C VAL B 72 -23.19 2.75 -18.93
N ALA B 73 -24.06 2.57 -19.93
CA ALA B 73 -25.41 3.14 -19.87
C ALA B 73 -26.24 2.60 -18.71
N ASP B 74 -25.87 1.43 -18.16
CA ASP B 74 -26.46 0.96 -16.91
C ASP B 74 -25.70 1.45 -15.70
N PHE B 75 -24.36 1.44 -15.79
CA PHE B 75 -23.49 1.96 -14.75
C PHE B 75 -23.93 3.36 -14.30
N MET B 76 -24.05 4.29 -15.25
CA MET B 76 -24.31 5.69 -14.96
C MET B 76 -25.68 5.96 -14.35
N LYS B 77 -26.56 4.96 -14.27
CA LYS B 77 -27.84 5.17 -13.61
C LYS B 77 -27.70 5.51 -12.13
N ALA B 78 -26.62 5.10 -11.48
CA ALA B 78 -26.48 5.27 -10.04
C ALA B 78 -25.99 6.67 -9.69
N ASP B 79 -26.28 7.07 -8.45
CA ASP B 79 -25.80 8.36 -7.96
C ASP B 79 -24.28 8.33 -7.73
N ILE B 80 -23.77 7.23 -7.17
CA ILE B 80 -22.35 7.08 -6.84
C ILE B 80 -21.75 5.98 -7.71
N LEU B 81 -20.64 6.29 -8.38
CA LEU B 81 -20.01 5.40 -9.36
C LEU B 81 -18.57 5.12 -8.93
N VAL B 82 -18.22 3.84 -8.81
CA VAL B 82 -16.91 3.42 -8.32
C VAL B 82 -16.33 2.39 -9.27
N VAL B 83 -15.02 2.49 -9.54
CA VAL B 83 -14.29 1.46 -10.28
C VAL B 83 -13.08 0.99 -9.46
N CYS B 84 -12.93 -0.32 -9.32
CA CYS B 84 -11.78 -0.96 -8.69
C CYS B 84 -11.12 -1.89 -9.70
N ALA B 85 -9.88 -1.60 -10.09
CA ALA B 85 -9.29 -2.34 -11.21
C ALA B 85 -7.78 -2.44 -11.02
N TYR B 86 -7.21 -3.56 -11.51
CA TYR B 86 -5.79 -3.85 -11.37
C TYR B 86 -4.97 -3.14 -12.44
N THR B 87 -3.66 -3.08 -12.19
CA THR B 87 -2.67 -2.64 -13.15
C THR B 87 -1.86 -3.86 -13.57
N TYR B 88 -1.59 -3.98 -14.87
CA TYR B 88 -0.93 -5.15 -15.41
C TYR B 88 0.20 -4.72 -16.34
N ASP B 89 1.16 -5.63 -16.52
CA ASP B 89 2.16 -5.54 -17.59
C ASP B 89 2.77 -4.15 -17.70
N GLU B 90 3.33 -3.68 -16.59
CA GLU B 90 4.02 -2.39 -16.51
C GLU B 90 3.13 -1.27 -17.07
N GLY B 91 2.03 -1.04 -16.37
CA GLY B 91 1.19 0.13 -16.59
C GLY B 91 -0.07 -0.11 -17.38
N ALA B 92 -0.27 -1.32 -17.90
CA ALA B 92 -1.43 -1.58 -18.76
C ALA B 92 -2.72 -1.62 -17.95
N MET B 93 -3.79 -1.18 -18.58
CA MET B 93 -5.13 -1.32 -18.05
C MET B 93 -5.69 -2.72 -18.32
N PRO B 94 -6.71 -3.14 -17.56
CA PRO B 94 -7.34 -4.45 -17.83
C PRO B 94 -7.94 -4.52 -19.23
N GLU B 95 -7.51 -5.52 -19.99
CA GLU B 95 -7.96 -5.62 -21.38
C GLU B 95 -9.47 -5.73 -21.46
N GLU B 96 -10.06 -6.63 -20.67
CA GLU B 96 -11.50 -6.80 -20.62
C GLU B 96 -12.25 -5.54 -20.15
N GLY B 97 -11.56 -4.44 -19.87
CA GLY B 97 -12.21 -3.23 -19.41
C GLY B 97 -11.98 -2.03 -20.30
N LEU B 98 -11.35 -2.23 -21.47
CA LEU B 98 -11.03 -1.09 -22.33
C LEU B 98 -12.27 -0.51 -22.99
N ASP B 99 -13.27 -1.35 -23.29
CA ASP B 99 -14.51 -0.83 -23.86
C ASP B 99 -15.27 0.01 -22.83
N PHE B 100 -15.40 -0.51 -21.61
CA PHE B 100 -16.02 0.23 -20.52
C PHE B 100 -15.31 1.57 -20.34
N TYR B 101 -13.97 1.54 -20.30
CA TYR B 101 -13.17 2.74 -20.13
C TYR B 101 -13.39 3.72 -21.28
N ASP B 102 -13.42 3.21 -22.51
CA ASP B 102 -13.62 4.08 -23.67
C ASP B 102 -14.97 4.77 -23.61
N ASP B 103 -16.04 3.98 -23.39
CA ASP B 103 -17.39 4.55 -23.30
C ASP B 103 -17.51 5.54 -22.15
N LEU B 104 -16.89 5.23 -21.01
CA LEU B 104 -16.94 6.12 -19.86
C LEU B 104 -16.51 7.55 -20.23
N GLN B 105 -15.46 7.68 -21.04
CA GLN B 105 -14.93 9.00 -21.36
C GLN B 105 -15.93 9.85 -22.13
N SER B 106 -16.74 9.24 -23.00
CA SER B 106 -17.68 9.99 -23.84
C SER B 106 -19.00 10.28 -23.13
N THR B 107 -19.20 9.78 -21.92
CA THR B 107 -20.47 9.92 -21.22
C THR B 107 -20.51 11.25 -20.46
N ASP B 108 -21.73 11.74 -20.23
CA ASP B 108 -21.97 12.95 -19.45
C ASP B 108 -22.39 12.56 -18.04
N LEU B 109 -21.47 12.70 -17.08
CA LEU B 109 -21.67 12.35 -15.67
C LEU B 109 -21.64 13.56 -14.75
N THR B 110 -22.03 14.72 -15.25
CA THR B 110 -22.20 15.87 -14.37
C THR B 110 -23.33 15.56 -13.39
N GLY B 111 -23.12 15.89 -12.12
CA GLY B 111 -24.04 15.53 -11.06
C GLY B 111 -23.80 14.16 -10.46
N LYS B 112 -22.83 13.41 -10.99
CA LYS B 112 -22.47 12.10 -10.48
C LYS B 112 -21.26 12.22 -9.56
N VAL B 113 -21.26 11.40 -8.51
CA VAL B 113 -20.17 11.35 -7.53
C VAL B 113 -19.40 10.05 -7.74
N TYR B 114 -18.07 10.16 -7.87
CA TYR B 114 -17.25 9.00 -8.22
C TYR B 114 -16.10 8.81 -7.24
N GLY B 115 -15.57 7.59 -7.23
CA GLY B 115 -14.30 7.27 -6.60
C GLY B 115 -13.61 6.15 -7.34
N VAL B 116 -12.29 6.08 -7.20
CA VAL B 116 -11.48 5.07 -7.87
C VAL B 116 -10.52 4.42 -6.87
N ALA B 117 -10.49 3.09 -6.85
CA ALA B 117 -9.56 2.36 -6.02
C ALA B 117 -8.94 1.22 -6.82
N GLY B 118 -7.82 0.70 -6.32
CA GLY B 118 -7.22 -0.45 -6.97
C GLY B 118 -6.21 -1.17 -6.12
N SER B 119 -6.04 -2.46 -6.38
CA SER B 119 -5.01 -3.28 -5.75
C SER B 119 -3.89 -3.52 -6.73
N GLY B 120 -2.66 -3.29 -6.30
CA GLY B 120 -1.50 -3.45 -7.14
C GLY B 120 -0.34 -4.02 -6.35
N ASP B 121 0.88 -3.88 -6.84
CA ASP B 121 2.05 -4.41 -6.17
C ASP B 121 3.08 -3.30 -6.08
N LYS B 122 3.50 -2.96 -4.86
CA LYS B 122 4.40 -1.82 -4.66
C LYS B 122 5.77 -2.04 -5.28
N PHE B 123 6.15 -3.29 -5.52
CA PHE B 123 7.45 -3.53 -6.14
C PHE B 123 7.51 -3.05 -7.59
N TYR B 124 6.37 -2.73 -8.21
CA TYR B 124 6.39 -2.12 -9.54
C TYR B 124 6.68 -0.61 -9.49
N GLY B 125 7.03 -0.08 -8.32
CA GLY B 125 7.53 1.28 -8.20
C GLY B 125 6.57 2.32 -8.75
N GLU B 126 7.00 3.03 -9.78
CA GLU B 126 6.20 4.14 -10.31
C GLU B 126 5.00 3.67 -11.13
N TYR B 127 4.93 2.39 -11.47
CA TYR B 127 3.76 1.81 -12.14
C TYR B 127 2.72 1.27 -11.17
N PHE B 128 2.96 1.37 -9.86
CA PHE B 128 1.99 1.01 -8.82
C PHE B 128 0.63 1.62 -9.10
N ASN B 129 -0.34 0.79 -9.46
CA ASN B 129 -1.75 1.18 -9.49
C ASN B 129 -2.02 2.32 -10.47
N THR B 130 -1.37 2.28 -11.64
CA THR B 130 -1.61 3.32 -12.64
C THR B 130 -3.02 3.28 -13.20
N THR B 131 -3.67 2.11 -13.22
CA THR B 131 -5.05 2.06 -13.68
C THR B 131 -5.93 2.96 -12.83
N VAL B 132 -5.64 3.04 -11.53
CA VAL B 132 -6.39 3.91 -10.64
C VAL B 132 -6.35 5.35 -11.16
N ASP B 133 -5.16 5.83 -11.52
CA ASP B 133 -5.03 7.18 -12.07
C ASP B 133 -5.81 7.34 -13.38
N HIS B 134 -5.76 6.34 -14.26
CA HIS B 134 -6.41 6.50 -15.55
C HIS B 134 -7.93 6.53 -15.42
N PHE B 135 -8.51 5.67 -14.60
CA PHE B 135 -9.95 5.79 -14.39
C PHE B 135 -10.30 7.07 -13.64
N ASP B 136 -9.37 7.59 -12.84
CA ASP B 136 -9.60 8.86 -12.17
C ASP B 136 -9.71 10.00 -13.18
N ASP B 137 -8.78 10.04 -14.16
CA ASP B 137 -8.86 11.04 -15.22
C ASP B 137 -10.17 10.91 -16.02
N ALA B 138 -10.55 9.69 -16.40
CA ALA B 138 -11.70 9.52 -17.27
C ALA B 138 -12.98 10.00 -16.60
N PHE B 139 -13.13 9.71 -15.30
CA PHE B 139 -14.30 10.20 -14.58
C PHE B 139 -14.34 11.73 -14.57
N LYS B 140 -13.19 12.38 -14.35
CA LYS B 140 -13.18 13.83 -14.25
C LYS B 140 -13.41 14.49 -15.61
N LYS B 141 -12.87 13.90 -16.68
CA LYS B 141 -13.14 14.41 -18.02
C LYS B 141 -14.61 14.25 -18.40
N ALA B 142 -15.27 13.20 -17.92
CA ALA B 142 -16.69 12.98 -18.22
C ALA B 142 -17.61 13.90 -17.44
N GLY B 143 -17.09 14.76 -16.57
CA GLY B 143 -17.91 15.71 -15.84
C GLY B 143 -18.31 15.30 -14.44
N ALA B 144 -17.81 14.17 -13.93
CA ALA B 144 -18.19 13.68 -12.61
C ALA B 144 -17.37 14.34 -11.50
N THR B 145 -18.00 14.44 -10.34
CA THR B 145 -17.39 15.04 -9.16
C THR B 145 -16.80 13.94 -8.27
N SER B 146 -15.51 14.06 -7.95
CA SER B 146 -14.82 13.14 -7.05
C SER B 146 -15.37 13.26 -5.64
N GLY B 147 -15.83 12.15 -5.08
CA GLY B 147 -16.31 12.13 -3.72
C GLY B 147 -15.29 11.72 -2.67
N ALA B 148 -14.05 11.44 -3.08
CA ALA B 148 -13.03 10.86 -2.22
C ALA B 148 -11.73 10.73 -3.00
N GLU B 149 -10.61 10.80 -2.28
CA GLU B 149 -9.32 10.60 -2.91
C GLU B 149 -9.14 9.14 -3.30
N LYS B 150 -8.31 8.90 -4.30
CA LYS B 150 -8.15 7.54 -4.79
C LYS B 150 -7.38 6.71 -3.78
N VAL B 151 -7.70 5.42 -3.74
CA VAL B 151 -7.08 4.48 -2.83
C VAL B 151 -6.23 3.51 -3.64
N LYS B 152 -4.95 3.42 -3.27
CA LYS B 152 -4.00 2.50 -3.89
C LYS B 152 -3.56 1.50 -2.82
N ILE B 153 -3.87 0.24 -3.04
CA ILE B 153 -3.65 -0.83 -2.06
C ILE B 153 -2.57 -1.75 -2.60
N ASP B 154 -1.73 -2.27 -1.71
CA ASP B 154 -0.70 -3.25 -2.06
C ASP B 154 -1.26 -4.66 -1.84
N LEU B 155 -1.46 -5.40 -2.93
CA LEU B 155 -1.95 -6.76 -2.92
C LEU B 155 -3.24 -6.86 -2.10
N GLU B 156 -3.23 -7.64 -1.01
CA GLU B 156 -4.46 -7.94 -0.30
C GLU B 156 -4.91 -6.74 0.52
N PRO B 157 -6.20 -6.41 0.53
CA PRO B 157 -6.69 -5.36 1.44
C PRO B 157 -6.66 -5.87 2.87
N TYR B 158 -5.87 -5.20 3.72
CA TYR B 158 -5.58 -5.68 5.06
C TYR B 158 -5.28 -4.48 5.97
N GLU B 159 -5.92 -4.47 7.16
CA GLU B 159 -5.76 -3.42 8.17
C GLU B 159 -6.02 -2.01 7.63
N GLU B 160 -4.95 -1.23 7.47
CA GLU B 160 -5.08 0.14 7.00
C GLU B 160 -5.88 0.23 5.71
N ASP B 161 -5.81 -0.79 4.85
CA ASP B 161 -6.53 -0.75 3.57
C ASP B 161 -8.03 -0.66 3.80
N ILE B 162 -8.56 -1.42 4.76
CA ILE B 162 -10.00 -1.43 4.99
C ILE B 162 -10.46 -0.10 5.58
N GLU B 163 -9.64 0.50 6.45
CA GLU B 163 -9.94 1.83 6.96
C GLU B 163 -9.94 2.87 5.83
N ARG B 164 -8.94 2.80 4.95
CA ARG B 164 -8.90 3.68 3.78
C ARG B 164 -10.14 3.52 2.93
N LEU B 165 -10.55 2.28 2.64
CA LEU B 165 -11.71 2.06 1.80
C LEU B 165 -12.99 2.53 2.48
N ASN B 166 -13.07 2.40 3.81
CA ASN B 166 -14.25 2.88 4.53
C ASN B 166 -14.38 4.39 4.43
N LYS B 167 -13.28 5.11 4.69
CA LYS B 167 -13.29 6.57 4.56
C LYS B 167 -13.52 7.00 3.12
N PHE B 168 -13.00 6.23 2.17
CA PHE B 168 -13.31 6.41 0.76
C PHE B 168 -14.81 6.35 0.51
N ALA B 169 -15.49 5.36 1.11
CA ALA B 169 -16.93 5.22 0.95
C ALA B 169 -17.69 6.28 1.76
N GLU B 170 -17.23 6.60 2.96
CA GLU B 170 -17.87 7.66 3.74
C GLU B 170 -17.80 8.98 2.99
N GLY B 171 -16.68 9.23 2.30
CA GLY B 171 -16.57 10.43 1.49
C GLY B 171 -17.59 10.49 0.37
N LEU B 172 -17.83 9.35 -0.29
CA LEU B 172 -18.75 9.34 -1.43
C LEU B 172 -20.17 9.67 -0.99
N VAL B 173 -20.66 8.98 0.05
CA VAL B 173 -21.99 9.27 0.58
C VAL B 173 -22.08 10.74 1.00
N LYS B 174 -21.05 11.25 1.66
CA LYS B 174 -21.07 12.64 2.12
C LYS B 174 -21.17 13.61 0.94
N THR B 175 -20.39 13.38 -0.11
CA THR B 175 -20.49 14.25 -1.28
C THR B 175 -21.82 14.07 -2.01
N ALA B 176 -22.31 12.83 -2.09
CA ALA B 176 -23.53 12.56 -2.83
C ALA B 176 -24.79 12.95 -2.06
N SER B 177 -24.68 13.32 -0.80
CA SER B 177 -25.80 13.84 0.00
C SER B 177 -25.73 15.35 0.12
N LYS B 178 -25.36 16.03 -0.97
CA LYS B 178 -25.03 17.46 -1.01
C LYS B 178 -23.74 17.73 -0.23
N MET C 30 12.84 -17.50 23.89
CA MET C 30 11.69 -17.53 24.79
C MET C 30 10.39 -17.69 23.97
N LEU C 31 10.34 -16.97 22.86
CA LEU C 31 9.18 -17.04 21.97
C LEU C 31 9.29 -18.26 21.07
N THR C 32 8.18 -18.96 20.91
CA THR C 32 8.12 -20.20 20.13
C THR C 32 7.20 -20.03 18.93
N ALA C 33 7.48 -20.78 17.87
CA ALA C 33 6.64 -20.81 16.68
C ALA C 33 6.57 -22.24 16.13
N HIS C 34 5.41 -22.59 15.58
CA HIS C 34 5.24 -23.84 14.85
C HIS C 34 4.78 -23.50 13.45
N VAL C 35 5.59 -23.87 12.46
CA VAL C 35 5.28 -23.68 11.05
C VAL C 35 4.94 -25.05 10.47
N VAL C 36 3.74 -25.17 9.93
CA VAL C 36 3.28 -26.43 9.32
C VAL C 36 3.17 -26.20 7.82
N TYR C 37 3.57 -27.19 7.03
CA TYR C 37 3.44 -27.08 5.60
C TYR C 37 2.70 -28.28 5.03
N ALA C 38 2.01 -28.04 3.91
CA ALA C 38 1.46 -29.10 3.08
C ALA C 38 2.06 -28.93 1.69
N THR C 39 2.66 -30.00 1.18
CA THR C 39 3.33 -29.88 -0.10
C THR C 39 3.20 -31.20 -0.87
N MET C 40 3.14 -31.07 -2.20
CA MET C 40 3.32 -32.20 -3.10
C MET C 40 4.66 -32.13 -3.82
N THR C 41 5.00 -30.99 -4.42
CA THR C 41 6.23 -30.87 -5.19
C THR C 41 7.28 -29.96 -4.53
N GLY C 42 7.11 -29.60 -3.26
CA GLY C 42 8.16 -28.96 -2.48
C GLY C 42 8.05 -27.45 -2.30
N ASN C 43 7.21 -26.77 -3.10
CA ASN C 43 7.25 -25.31 -3.06
C ASN C 43 6.81 -24.77 -1.71
N ASN C 44 5.75 -25.35 -1.13
CA ASN C 44 5.28 -24.83 0.14
C ASN C 44 6.17 -25.21 1.31
N GLU C 45 6.91 -26.31 1.20
CA GLU C 45 7.95 -26.59 2.20
C GLU C 45 9.08 -25.57 2.12
N GLU C 46 9.47 -25.18 0.90
CA GLU C 46 10.47 -24.13 0.71
C GLU C 46 10.00 -22.81 1.31
N VAL C 47 8.74 -22.44 1.04
CA VAL C 47 8.14 -21.28 1.71
C VAL C 47 8.25 -21.42 3.22
N ALA C 48 7.87 -22.60 3.74
CA ALA C 48 7.92 -22.83 5.18
C ALA C 48 9.34 -22.74 5.72
N ASN C 49 10.32 -23.23 4.96
CA ASN C 49 11.72 -23.12 5.39
C ASN C 49 12.15 -21.67 5.49
N ILE C 50 11.74 -20.85 4.52
CA ILE C 50 12.14 -19.44 4.53
C ILE C 50 11.54 -18.72 5.72
N VAL C 51 10.27 -18.99 6.03
CA VAL C 51 9.65 -18.40 7.21
C VAL C 51 10.35 -18.89 8.47
N CYS C 52 10.67 -20.18 8.52
CA CYS C 52 11.36 -20.73 9.69
C CYS C 52 12.69 -20.03 9.90
N ASP C 53 13.49 -19.91 8.84
CA ASP C 53 14.78 -19.25 8.96
C ASP C 53 14.63 -17.81 9.43
N SER C 54 13.67 -17.08 8.86
CA SER C 54 13.46 -15.68 9.26
C SER C 54 13.05 -15.57 10.71
N LEU C 55 12.19 -16.49 11.17
CA LEU C 55 11.76 -16.44 12.57
C LEU C 55 12.92 -16.80 13.49
N THR C 56 13.73 -17.78 13.07
CA THR C 56 14.93 -18.14 13.82
C THR C 56 15.88 -16.95 13.95
N ASN C 57 16.08 -16.22 12.86
CA ASN C 57 16.92 -15.04 12.90
C ASN C 57 16.31 -13.89 13.69
N LEU C 58 15.02 -13.97 14.02
CA LEU C 58 14.38 -13.03 14.92
C LEU C 58 14.34 -13.56 16.35
N ASN C 59 15.17 -14.56 16.65
CA ASN C 59 15.32 -15.11 18.00
C ASN C 59 14.03 -15.78 18.50
N VAL C 60 13.36 -16.49 17.59
CA VAL C 60 12.23 -17.36 17.91
C VAL C 60 12.70 -18.81 17.79
N LYS C 61 12.23 -19.66 18.71
CA LYS C 61 12.48 -21.09 18.62
C LYS C 61 11.38 -21.73 17.77
N VAL C 62 11.75 -22.21 16.59
CA VAL C 62 10.81 -22.62 15.56
C VAL C 62 10.77 -24.14 15.48
N THR C 63 9.57 -24.70 15.54
CA THR C 63 9.33 -26.08 15.14
C THR C 63 8.64 -26.09 13.78
N GLU C 64 9.06 -27.01 12.92
CA GLU C 64 8.56 -27.12 11.55
C GLU C 64 8.17 -28.57 11.30
N SER C 65 7.02 -28.77 10.64
CA SER C 65 6.54 -30.13 10.39
C SER C 65 5.56 -30.13 9.22
N GLU C 66 5.34 -31.32 8.69
CA GLU C 66 4.38 -31.55 7.61
C GLU C 66 2.99 -31.78 8.19
N ILE C 67 1.97 -31.27 7.49
CA ILE C 67 0.63 -31.14 8.09
C ILE C 67 0.04 -32.50 8.44
N SER C 68 0.31 -33.53 7.62
CA SER C 68 -0.32 -34.81 7.88
C SER C 68 0.30 -35.51 9.07
N GLN C 69 1.49 -35.10 9.50
CA GLN C 69 2.12 -35.67 10.68
C GLN C 69 2.00 -34.76 11.89
N THR C 70 1.11 -33.78 11.82
CA THR C 70 0.95 -32.81 12.89
C THR C 70 -0.48 -32.81 13.39
N ASP C 71 -0.64 -32.83 14.70
CA ASP C 71 -1.93 -32.68 15.35
C ASP C 71 -2.05 -31.27 15.92
N VAL C 72 -3.20 -30.64 15.67
CA VAL C 72 -3.47 -29.29 16.19
C VAL C 72 -3.21 -29.19 17.68
N ALA C 73 -3.46 -30.27 18.42
CA ALA C 73 -3.23 -30.25 19.87
C ALA C 73 -1.77 -29.92 20.19
N ASP C 74 -0.84 -30.44 19.39
CA ASP C 74 0.58 -30.15 19.57
C ASP C 74 0.96 -28.82 18.94
N PHE C 75 0.41 -28.53 17.75
CA PHE C 75 0.69 -27.31 17.01
C PHE C 75 0.38 -26.06 17.83
N MET C 76 -0.75 -26.06 18.55
CA MET C 76 -1.23 -24.86 19.22
C MET C 76 -0.42 -24.51 20.46
N LYS C 77 0.55 -25.34 20.86
CA LYS C 77 1.38 -25.04 22.01
C LYS C 77 2.33 -23.88 21.76
N ALA C 78 2.64 -23.59 20.50
CA ALA C 78 3.55 -22.51 20.18
C ALA C 78 2.89 -21.15 20.42
N ASP C 79 3.70 -20.10 20.39
CA ASP C 79 3.15 -18.76 20.49
C ASP C 79 2.70 -18.24 19.13
N ILE C 80 3.43 -18.61 18.07
CA ILE C 80 3.18 -18.13 16.72
C ILE C 80 2.87 -19.34 15.85
N LEU C 81 1.77 -19.25 15.09
CA LEU C 81 1.20 -20.40 14.38
C LEU C 81 1.14 -20.09 12.90
N VAL C 82 1.84 -20.87 12.09
CA VAL C 82 1.94 -20.60 10.65
C VAL C 82 1.57 -21.85 9.89
N VAL C 83 0.75 -21.68 8.85
CA VAL C 83 0.47 -22.73 7.88
C VAL C 83 0.92 -22.24 6.52
N CYS C 84 1.64 -23.10 5.78
CA CYS C 84 2.05 -22.87 4.40
C CYS C 84 1.51 -24.02 3.57
N ALA C 85 0.59 -23.76 2.65
CA ALA C 85 -0.15 -24.87 2.07
C ALA C 85 -0.60 -24.52 0.66
N TYR C 86 -0.54 -25.53 -0.22
CA TYR C 86 -0.89 -25.36 -1.61
C TYR C 86 -2.40 -25.39 -1.81
N THR C 87 -2.80 -24.99 -3.01
CA THR C 87 -4.14 -25.13 -3.54
C THR C 87 -4.05 -26.11 -4.71
N TYR C 88 -5.05 -26.97 -4.84
CA TYR C 88 -5.04 -27.99 -5.89
C TYR C 88 -6.39 -27.96 -6.62
N ASP C 89 -6.45 -28.68 -7.74
CA ASP C 89 -7.65 -28.86 -8.56
C ASP C 89 -8.66 -27.72 -8.44
N GLU C 90 -8.30 -26.54 -8.94
CA GLU C 90 -9.17 -25.37 -8.96
C GLU C 90 -9.89 -25.17 -7.63
N GLY C 91 -9.10 -24.83 -6.60
CA GLY C 91 -9.60 -24.35 -5.34
C GLY C 91 -9.62 -25.33 -4.18
N ALA C 92 -9.22 -26.58 -4.38
CA ALA C 92 -9.31 -27.58 -3.32
C ALA C 92 -8.16 -27.44 -2.32
N MET C 93 -8.46 -27.70 -1.05
CA MET C 93 -7.44 -27.73 -0.01
C MET C 93 -6.69 -29.07 -0.03
N PRO C 94 -5.51 -29.13 0.58
CA PRO C 94 -4.76 -30.40 0.57
C PRO C 94 -5.55 -31.48 1.31
N GLU C 95 -5.72 -32.63 0.65
CA GLU C 95 -6.51 -33.71 1.26
C GLU C 95 -5.91 -34.14 2.58
N GLU C 96 -4.58 -34.22 2.63
CA GLU C 96 -3.89 -34.69 3.82
C GLU C 96 -3.89 -33.66 4.93
N GLY C 97 -4.44 -32.46 4.69
CA GLY C 97 -4.55 -31.43 5.70
C GLY C 97 -5.97 -31.13 6.14
N LEU C 98 -6.97 -31.87 5.66
CA LEU C 98 -8.35 -31.51 5.96
C LEU C 98 -8.69 -31.71 7.43
N ASP C 99 -8.12 -32.75 8.04
CA ASP C 99 -8.36 -32.95 9.47
C ASP C 99 -7.72 -31.83 10.29
N PHE C 100 -6.48 -31.48 9.97
CA PHE C 100 -5.84 -30.34 10.60
C PHE C 100 -6.72 -29.09 10.51
N TYR C 101 -7.13 -28.74 9.29
CA TYR C 101 -8.02 -27.61 9.05
C TYR C 101 -9.27 -27.68 9.92
N ASP C 102 -9.91 -28.85 9.97
CA ASP C 102 -11.14 -29.02 10.75
C ASP C 102 -10.87 -28.86 12.25
N ASP C 103 -9.76 -29.43 12.73
CA ASP C 103 -9.44 -29.30 14.15
C ASP C 103 -9.09 -27.87 14.52
N LEU C 104 -8.46 -27.13 13.60
CA LEU C 104 -8.09 -25.75 13.86
C LEU C 104 -9.33 -24.89 14.13
N GLN C 105 -10.38 -25.07 13.32
CA GLN C 105 -11.59 -24.26 13.48
C GLN C 105 -12.27 -24.49 14.82
N SER C 106 -12.31 -25.73 15.29
CA SER C 106 -13.02 -26.09 16.51
C SER C 106 -12.18 -25.89 17.76
N THR C 107 -11.04 -25.21 17.67
CA THR C 107 -10.12 -25.01 18.77
C THR C 107 -10.18 -23.55 19.21
N ASP C 108 -9.88 -23.31 20.47
CA ASP C 108 -9.80 -21.94 21.00
C ASP C 108 -8.35 -21.49 20.93
N LEU C 109 -8.06 -20.58 20.01
CA LEU C 109 -6.69 -20.08 19.82
C LEU C 109 -6.54 -18.64 20.28
N THR C 110 -7.39 -18.22 21.22
CA THR C 110 -7.27 -16.87 21.78
C THR C 110 -5.85 -16.63 22.29
N GLY C 111 -5.31 -15.46 21.98
CA GLY C 111 -3.98 -15.10 22.39
C GLY C 111 -2.85 -15.62 21.51
N LYS C 112 -3.13 -16.55 20.59
CA LYS C 112 -2.12 -17.01 19.65
C LYS C 112 -2.01 -16.04 18.49
N VAL C 113 -0.80 -15.95 17.92
CA VAL C 113 -0.56 -15.11 16.76
C VAL C 113 -0.40 -16.03 15.56
N TYR C 114 -1.09 -15.70 14.46
CA TYR C 114 -1.06 -16.58 13.29
C TYR C 114 -0.70 -15.82 12.03
N GLY C 115 -0.12 -16.56 11.09
CA GLY C 115 0.04 -16.08 9.73
C GLY C 115 -0.09 -17.25 8.79
N VAL C 116 -0.53 -16.97 7.56
CA VAL C 116 -0.68 -17.99 6.55
C VAL C 116 0.02 -17.54 5.28
N ALA C 117 0.71 -18.47 4.62
CA ALA C 117 1.36 -18.19 3.35
C ALA C 117 1.15 -19.40 2.44
N GLY C 118 1.43 -19.23 1.16
CA GLY C 118 1.32 -20.38 0.30
C GLY C 118 1.85 -20.14 -1.08
N SER C 119 2.28 -21.20 -1.74
CA SER C 119 2.70 -21.14 -3.13
C SER C 119 1.56 -21.69 -3.97
N GLY C 120 1.19 -20.95 -5.01
CA GLY C 120 0.19 -21.39 -5.96
C GLY C 120 0.60 -21.01 -7.37
N ASP C 121 -0.38 -20.82 -8.25
CA ASP C 121 -0.14 -20.54 -9.66
C ASP C 121 -1.21 -19.58 -10.13
N LYS C 122 -0.76 -18.38 -10.53
CA LYS C 122 -1.66 -17.28 -10.90
C LYS C 122 -2.50 -17.63 -12.12
N PHE C 123 -2.09 -18.62 -12.91
CA PHE C 123 -2.90 -18.98 -14.06
C PHE C 123 -4.23 -19.60 -13.67
N TYR C 124 -4.41 -19.99 -12.42
CA TYR C 124 -5.72 -20.45 -11.95
C TYR C 124 -6.63 -19.28 -11.53
N GLY C 125 -6.21 -18.04 -11.74
CA GLY C 125 -7.11 -16.90 -11.61
C GLY C 125 -7.65 -16.75 -10.21
N GLU C 126 -8.97 -16.74 -10.09
CA GLU C 126 -9.54 -16.54 -8.75
C GLU C 126 -9.43 -17.76 -7.84
N TYR C 127 -8.89 -18.89 -8.32
CA TYR C 127 -8.51 -19.98 -7.43
C TYR C 127 -7.07 -19.88 -6.94
N PHE C 128 -6.40 -18.75 -7.17
CA PHE C 128 -4.99 -18.59 -6.81
C PHE C 128 -4.84 -18.62 -5.30
N ASN C 129 -4.15 -19.64 -4.79
CA ASN C 129 -3.83 -19.72 -3.36
C ASN C 129 -5.07 -19.58 -2.47
N THR C 130 -6.20 -20.13 -2.92
CA THR C 130 -7.39 -20.03 -2.06
C THR C 130 -7.19 -20.78 -0.75
N THR C 131 -6.33 -21.80 -0.72
CA THR C 131 -6.06 -22.49 0.55
C THR C 131 -5.54 -21.51 1.61
N VAL C 132 -4.69 -20.57 1.20
CA VAL C 132 -4.22 -19.52 2.11
C VAL C 132 -5.42 -18.79 2.74
N ASP C 133 -6.41 -18.44 1.91
CA ASP C 133 -7.61 -17.76 2.42
C ASP C 133 -8.37 -18.62 3.42
N HIS C 134 -8.49 -19.92 3.14
CA HIS C 134 -9.25 -20.80 3.99
C HIS C 134 -8.61 -20.96 5.36
N PHE C 135 -7.29 -21.13 5.42
CA PHE C 135 -6.64 -21.28 6.72
C PHE C 135 -6.68 -19.97 7.51
N ASP C 136 -6.52 -18.83 6.82
CA ASP C 136 -6.69 -17.55 7.48
C ASP C 136 -8.07 -17.45 8.13
N ASP C 137 -9.11 -17.82 7.37
CA ASP C 137 -10.47 -17.86 7.91
C ASP C 137 -10.56 -18.79 9.11
N ALA C 138 -9.96 -19.98 9.03
CA ALA C 138 -10.00 -20.93 10.14
C ALA C 138 -9.33 -20.37 11.40
N PHE C 139 -8.23 -19.63 11.23
CA PHE C 139 -7.57 -19.01 12.38
C PHE C 139 -8.46 -17.92 12.99
N LYS C 140 -9.13 -17.12 12.17
CA LYS C 140 -10.05 -16.12 12.70
C LYS C 140 -11.18 -16.76 13.49
N LYS C 141 -11.77 -17.84 12.95
CA LYS C 141 -12.84 -18.52 13.64
C LYS C 141 -12.37 -19.08 14.99
N ALA C 142 -11.13 -19.52 15.07
CA ALA C 142 -10.59 -20.04 16.31
C ALA C 142 -10.17 -18.93 17.29
N GLY C 143 -10.38 -17.67 16.94
CA GLY C 143 -10.09 -16.58 17.85
C GLY C 143 -8.64 -16.15 17.92
N ALA C 144 -7.80 -16.59 16.98
CA ALA C 144 -6.39 -16.21 16.98
C ALA C 144 -6.23 -14.79 16.43
N THR C 145 -5.07 -14.20 16.69
CA THR C 145 -4.74 -12.84 16.27
C THR C 145 -3.87 -12.88 15.03
N SER C 146 -4.31 -12.26 13.95
CA SER C 146 -3.48 -12.18 12.75
C SER C 146 -2.25 -11.33 13.04
N GLY C 147 -1.08 -11.87 12.74
CA GLY C 147 0.15 -11.13 13.00
C GLY C 147 0.77 -10.51 11.77
N ALA C 148 0.29 -10.86 10.58
CA ALA C 148 0.83 -10.34 9.33
C ALA C 148 -0.13 -10.64 8.19
N GLU C 149 -0.13 -9.77 7.17
CA GLU C 149 -0.88 -10.00 5.95
C GLU C 149 -0.48 -11.34 5.35
N LYS C 150 -1.47 -12.10 4.91
CA LYS C 150 -1.21 -13.39 4.30
C LYS C 150 -0.38 -13.19 3.04
N VAL C 151 0.49 -14.15 2.76
CA VAL C 151 1.41 -14.04 1.64
C VAL C 151 1.06 -15.10 0.60
N LYS C 152 0.78 -14.64 -0.62
CA LYS C 152 0.44 -15.51 -1.74
C LYS C 152 1.57 -15.44 -2.76
N ILE C 153 2.26 -16.54 -2.95
CA ILE C 153 3.43 -16.63 -3.81
C ILE C 153 3.06 -17.42 -5.06
N ASP C 154 3.53 -16.95 -6.20
CA ASP C 154 3.36 -17.63 -7.48
C ASP C 154 4.56 -18.57 -7.66
N LEU C 155 4.28 -19.87 -7.71
CA LEU C 155 5.29 -20.91 -7.95
C LEU C 155 6.50 -20.79 -7.02
N GLU C 156 7.71 -20.67 -7.56
CA GLU C 156 8.89 -20.65 -6.70
C GLU C 156 8.94 -19.36 -5.88
N PRO C 157 9.40 -19.42 -4.62
CA PRO C 157 9.66 -18.19 -3.86
C PRO C 157 10.99 -17.61 -4.33
N TYR C 158 10.92 -16.40 -4.87
CA TYR C 158 12.05 -15.81 -5.58
C TYR C 158 11.96 -14.30 -5.43
N GLU C 159 13.09 -13.68 -5.13
CA GLU C 159 13.25 -12.24 -5.07
C GLU C 159 12.18 -11.55 -4.22
N GLU C 160 11.16 -10.98 -4.86
CA GLU C 160 10.12 -10.27 -4.11
C GLU C 160 9.46 -11.19 -3.08
N ASP C 161 9.22 -12.46 -3.44
CA ASP C 161 8.60 -13.40 -2.50
C ASP C 161 9.35 -13.46 -1.18
N ILE C 162 10.68 -13.46 -1.23
CA ILE C 162 11.46 -13.64 -0.02
C ILE C 162 11.40 -12.39 0.85
N GLU C 163 11.37 -11.22 0.24
CA GLU C 163 11.24 -9.99 1.03
C GLU C 163 9.87 -9.95 1.71
N ARG C 164 8.82 -10.35 1.00
CA ARG C 164 7.49 -10.39 1.62
C ARG C 164 7.43 -11.40 2.75
N LEU C 165 8.11 -12.54 2.61
CA LEU C 165 8.07 -13.53 3.68
C LEU C 165 8.89 -13.10 4.90
N ASN C 166 9.92 -12.28 4.69
CA ASN C 166 10.65 -11.76 5.84
C ASN C 166 9.83 -10.68 6.55
N LYS C 167 9.19 -9.79 5.78
CA LYS C 167 8.25 -8.86 6.41
C LYS C 167 7.16 -9.61 7.16
N PHE C 168 6.57 -10.64 6.51
CA PHE C 168 5.62 -11.55 7.14
C PHE C 168 6.12 -12.01 8.51
N ALA C 169 7.27 -12.68 8.54
CA ALA C 169 7.85 -13.13 9.80
C ALA C 169 8.09 -11.98 10.77
N GLU C 170 8.55 -10.84 10.26
CA GLU C 170 8.80 -9.72 11.15
C GLU C 170 7.51 -9.28 11.85
N GLY C 171 6.40 -9.21 11.12
CA GLY C 171 5.14 -8.82 11.72
C GLY C 171 4.65 -9.81 12.76
N LEU C 172 4.83 -11.10 12.52
CA LEU C 172 4.40 -12.11 13.49
C LEU C 172 5.10 -11.88 14.84
N VAL C 173 6.42 -11.72 14.80
CA VAL C 173 7.20 -11.50 16.02
C VAL C 173 6.74 -10.23 16.73
N LYS C 174 6.57 -9.14 15.98
CA LYS C 174 6.10 -7.88 16.56
C LYS C 174 4.74 -8.06 17.25
N THR C 175 3.81 -8.72 16.56
CA THR C 175 2.48 -8.90 17.15
C THR C 175 2.55 -9.74 18.41
N ALA C 176 3.45 -10.73 18.44
CA ALA C 176 3.49 -11.66 19.56
C ALA C 176 4.24 -11.08 20.76
N SER C 177 5.17 -10.16 20.50
CA SER C 177 5.81 -9.40 21.57
C SER C 177 4.82 -8.38 22.14
#